data_9LQ3
#
_entry.id   9LQ3
#
_cell.length_a   63.478
_cell.length_b   67.455
_cell.length_c   58.304
_cell.angle_alpha   90.00
_cell.angle_beta   90.00
_cell.angle_gamma   90.00
#
_symmetry.space_group_name_H-M   'P 21 21 2'
#
loop_
_entity.id
_entity.type
_entity.pdbx_description
1 polymer 'Bile acid receptor'
2 polymer 'Nuclear receptor coactivator 2'
3 non-polymer Linafexor
4 water water
#
loop_
_entity_poly.entity_id
_entity_poly.type
_entity_poly.pdbx_seq_one_letter_code
_entity_poly.pdbx_strand_id
1 'polypeptide(L)'
;ELTPDQATLLHFIMDSYNKQRMPQEITNKILKEAFSAEENFLILTEMATNHVQVLVEFTKKLPGFQTLDHEDQIALLKGS
AVEAMFLRSAEIFNKKLPSGHSDLLEARIRNSGISDEYITPMFSFYKSIGELKMTQEEYALLTAIVILSPDRQYIKDREA
VEKLQEPLLDVLQKLCKIHQPANPQHFAKLLGRLTELRTFNHHHAEMLMSWRVNDHKFTPLLQEIWDV
;
A
2 'polypeptide(L)' HKILHRLLQDS C
#
loop_
_chem_comp.id
_chem_comp.type
_chem_comp.name
_chem_comp.formula
A1ELK non-polymer Linafexor 'C28 H25 Cl2 F N4 O4'
#
# COMPACT_ATOMS: atom_id res chain seq x y z
N GLU A 1 -2.14 -27.14 6.92
CA GLU A 1 -3.54 -27.50 7.04
C GLU A 1 -4.46 -26.31 6.80
N LEU A 2 -4.66 -25.95 5.54
CA LEU A 2 -5.58 -24.88 5.18
C LEU A 2 -6.98 -25.43 4.95
N THR A 3 -7.97 -24.62 5.25
CA THR A 3 -9.37 -24.98 5.05
C THR A 3 -9.86 -24.52 3.68
N PRO A 4 -10.96 -25.08 3.19
CA PRO A 4 -11.54 -24.57 1.94
C PRO A 4 -12.11 -23.16 2.06
N ASP A 5 -12.45 -22.72 3.28
CA ASP A 5 -12.89 -21.34 3.47
C ASP A 5 -11.72 -20.38 3.30
N GLN A 6 -10.60 -20.67 3.97
CA GLN A 6 -9.40 -19.84 3.80
C GLN A 6 -8.92 -19.88 2.35
N ALA A 7 -8.94 -21.06 1.72
CA ALA A 7 -8.47 -21.17 0.34
C ALA A 7 -9.31 -20.31 -0.59
N THR A 8 -10.61 -20.20 -0.33
CA THR A 8 -11.47 -19.34 -1.14
C THR A 8 -11.37 -17.88 -0.71
N LEU A 9 -10.98 -17.60 0.53
CA LEU A 9 -10.71 -16.22 0.92
C LEU A 9 -9.37 -15.74 0.36
N LEU A 10 -8.38 -16.64 0.31
CA LEU A 10 -7.13 -16.30 -0.37
C LEU A 10 -7.36 -16.09 -1.86
N HIS A 11 -8.18 -16.94 -2.47
CA HIS A 11 -8.43 -16.85 -3.91
C HIS A 11 -9.07 -15.52 -4.27
N PHE A 12 -10.05 -15.08 -3.46
CA PHE A 12 -10.72 -13.80 -3.74
C PHE A 12 -9.75 -12.64 -3.64
N ILE A 13 -8.96 -12.60 -2.57
CA ILE A 13 -8.02 -11.50 -2.35
C ILE A 13 -6.98 -11.44 -3.47
N MET A 14 -6.44 -12.60 -3.83
CA MET A 14 -5.40 -12.64 -4.87
C MET A 14 -5.91 -12.09 -6.20
N ASP A 15 -7.01 -12.66 -6.72
CA ASP A 15 -7.58 -12.15 -7.96
C ASP A 15 -8.14 -10.75 -7.82
N SER A 16 -8.45 -10.32 -6.59
CA SER A 16 -8.74 -8.90 -6.37
C SER A 16 -7.47 -8.07 -6.47
N TYR A 17 -6.34 -8.66 -6.08
CA TYR A 17 -5.07 -7.96 -6.01
C TYR A 17 -4.29 -8.01 -7.31
N ASN A 18 -4.42 -9.10 -8.07
CA ASN A 18 -3.78 -9.19 -9.37
C ASN A 18 -4.46 -8.35 -10.44
N LYS A 19 -5.65 -7.82 -10.16
CA LYS A 19 -6.34 -6.98 -11.13
C LYS A 19 -5.70 -5.60 -11.27
N GLN A 20 -4.72 -5.28 -10.43
CA GLN A 20 -4.02 -4.00 -10.56
C GLN A 20 -3.24 -3.95 -11.86
N ARG A 21 -3.48 -2.90 -12.64
CA ARG A 21 -2.85 -2.73 -13.94
C ARG A 21 -2.44 -1.28 -14.07
N MET A 22 -1.13 -1.04 -14.13
CA MET A 22 -0.64 0.32 -14.37
C MET A 22 -0.96 0.74 -15.79
N PRO A 23 -1.72 1.80 -16.01
CA PRO A 23 -2.11 2.20 -17.37
C PRO A 23 -0.89 2.42 -18.24
N GLN A 24 -1.02 2.08 -19.53
CA GLN A 24 0.12 2.03 -20.42
C GLN A 24 0.75 3.40 -20.60
N GLU A 25 -0.07 4.44 -20.72
CA GLU A 25 0.44 5.78 -20.99
C GLU A 25 1.08 6.45 -19.78
N ILE A 26 1.02 5.83 -18.60
CA ILE A 26 1.80 6.27 -17.45
C ILE A 26 3.09 5.46 -17.32
N THR A 27 3.00 4.14 -17.52
CA THR A 27 4.17 3.30 -17.29
C THR A 27 5.23 3.56 -18.35
N ASN A 28 4.83 3.91 -19.57
CA ASN A 28 5.81 4.23 -20.60
C ASN A 28 6.36 5.64 -20.45
N LYS A 29 5.69 6.50 -19.68
CA LYS A 29 6.23 7.83 -19.41
C LYS A 29 7.51 7.76 -18.60
N ILE A 30 7.68 6.71 -17.79
CA ILE A 30 8.84 6.60 -16.91
C ILE A 30 10.13 6.69 -17.70
N LEU A 31 10.18 6.00 -18.84
CA LEU A 31 11.36 5.99 -19.70
C LEU A 31 11.32 7.11 -20.75
N LYS A 32 10.17 7.27 -21.42
CA LYS A 32 10.11 8.15 -22.58
C LYS A 32 10.31 9.61 -22.22
N GLU A 33 9.86 10.03 -21.04
CA GLU A 33 9.97 11.42 -20.67
C GLU A 33 11.34 11.74 -20.09
N ALA A 34 11.62 13.03 -19.94
CA ALA A 34 12.88 13.49 -19.38
C ALA A 34 12.90 13.27 -17.88
N PHE A 35 14.09 13.41 -17.30
CA PHE A 35 14.30 13.17 -15.87
C PHE A 35 14.52 14.47 -15.10
N SER A 36 13.93 15.56 -15.58
CA SER A 36 13.89 16.79 -14.81
C SER A 36 13.15 16.55 -13.50
N ALA A 37 13.52 17.30 -12.46
CA ALA A 37 12.90 17.12 -11.16
C ALA A 37 11.40 17.41 -11.22
N GLU A 38 11.01 18.45 -11.96
CA GLU A 38 9.59 18.76 -12.10
C GLU A 38 8.85 17.66 -12.85
N GLU A 39 9.49 17.09 -13.89
CA GLU A 39 8.87 15.99 -14.62
C GLU A 39 8.83 14.73 -13.77
N ASN A 40 9.86 14.50 -12.97
CA ASN A 40 9.85 13.38 -12.03
C ASN A 40 8.70 13.53 -11.04
N PHE A 41 8.53 14.73 -10.48
CA PHE A 41 7.42 14.96 -9.57
C PHE A 41 6.08 14.79 -10.27
N LEU A 42 6.00 15.17 -11.55
CA LEU A 42 4.75 15.04 -12.29
C LEU A 42 4.35 13.58 -12.45
N ILE A 43 5.29 12.74 -12.91
CA ILE A 43 4.97 11.32 -13.10
C ILE A 43 4.60 10.67 -11.78
N LEU A 44 5.42 10.92 -10.74
CA LEU A 44 5.15 10.31 -9.43
C LEU A 44 3.77 10.68 -8.91
N THR A 45 3.32 11.91 -9.17
CA THR A 45 1.97 12.30 -8.80
C THR A 45 0.92 11.45 -9.52
N GLU A 46 1.10 11.25 -10.83
CA GLU A 46 0.12 10.47 -11.58
C GLU A 46 0.07 9.03 -11.09
N MET A 47 1.24 8.42 -10.85
CA MET A 47 1.24 7.05 -10.37
C MET A 47 0.59 6.95 -8.99
N ALA A 48 0.83 7.95 -8.13
CA ALA A 48 0.23 7.93 -6.80
C ALA A 48 -1.29 7.98 -6.87
N THR A 49 -1.84 8.99 -7.57
CA THR A 49 -3.29 9.12 -7.64
C THR A 49 -3.92 7.96 -8.39
N ASN A 50 -3.20 7.34 -9.32
CA ASN A 50 -3.73 6.17 -10.01
C ASN A 50 -3.76 4.97 -9.07
N HIS A 51 -2.67 4.74 -8.33
CA HIS A 51 -2.66 3.62 -7.41
C HIS A 51 -3.67 3.81 -6.29
N VAL A 52 -4.02 5.05 -5.96
CA VAL A 52 -5.09 5.29 -5.01
C VAL A 52 -6.43 4.84 -5.60
N GLN A 53 -6.68 5.15 -6.88
CA GLN A 53 -7.85 4.60 -7.56
C GLN A 53 -7.83 3.08 -7.53
N VAL A 54 -6.68 2.48 -7.83
CA VAL A 54 -6.51 1.05 -7.69
C VAL A 54 -6.81 0.61 -6.25
N LEU A 55 -6.33 1.38 -5.28
CA LEU A 55 -6.43 0.98 -3.88
C LEU A 55 -7.86 0.98 -3.38
N VAL A 56 -8.66 1.99 -3.76
CA VAL A 56 -10.05 1.99 -3.34
C VAL A 56 -10.81 0.86 -4.02
N GLU A 57 -10.47 0.55 -5.27
CA GLU A 57 -11.12 -0.52 -6.02
C GLU A 57 -10.52 -1.89 -5.74
N PHE A 58 -9.78 -2.02 -4.64
CA PHE A 58 -9.36 -3.32 -4.12
C PHE A 58 -9.82 -3.42 -2.67
N THR A 59 -10.00 -2.26 -2.02
CA THR A 59 -10.43 -2.23 -0.63
C THR A 59 -11.92 -2.46 -0.51
N LYS A 60 -12.72 -1.77 -1.34
CA LYS A 60 -14.17 -2.00 -1.35
C LYS A 60 -14.50 -3.44 -1.68
N LYS A 61 -13.60 -4.16 -2.35
CA LYS A 61 -13.78 -5.58 -2.63
C LYS A 61 -13.34 -6.46 -1.46
N LEU A 62 -12.79 -5.89 -0.41
CA LEU A 62 -12.40 -6.69 0.74
C LEU A 62 -13.66 -7.15 1.46
N PRO A 63 -13.75 -8.44 1.83
CA PRO A 63 -14.98 -8.94 2.45
C PRO A 63 -15.29 -8.23 3.76
N GLY A 64 -16.47 -7.61 3.81
CA GLY A 64 -16.96 -6.98 5.02
C GLY A 64 -16.53 -5.54 5.23
N PHE A 65 -15.76 -4.96 4.32
CA PHE A 65 -15.34 -3.57 4.49
C PHE A 65 -16.52 -2.61 4.32
N GLN A 66 -17.42 -2.91 3.39
CA GLN A 66 -18.60 -2.08 3.18
C GLN A 66 -19.53 -2.08 4.40
N THR A 67 -19.45 -3.11 5.24
CA THR A 67 -20.33 -3.24 6.39
C THR A 67 -19.69 -2.61 7.64
N LEU A 68 -19.44 -1.31 7.55
CA LEU A 68 -18.78 -0.58 8.62
C LEU A 68 -19.27 0.86 8.64
N ASP A 69 -18.92 1.55 9.72
CA ASP A 69 -19.22 2.96 9.88
C ASP A 69 -18.67 3.76 8.70
N HIS A 70 -19.53 4.61 8.12
CA HIS A 70 -19.12 5.43 6.99
C HIS A 70 -17.92 6.30 7.34
N GLU A 71 -17.92 6.90 8.53
CA GLU A 71 -16.81 7.77 8.91
C GLU A 71 -15.56 6.97 9.27
N ASP A 72 -15.74 5.78 9.85
CA ASP A 72 -14.59 4.98 10.24
C ASP A 72 -13.99 4.24 9.04
N GLN A 73 -14.83 3.79 8.10
CA GLN A 73 -14.30 3.13 6.91
C GLN A 73 -13.49 4.11 6.06
N ILE A 74 -13.88 5.39 6.07
CA ILE A 74 -13.07 6.41 5.41
C ILE A 74 -11.73 6.57 6.13
N ALA A 75 -11.76 6.51 7.46
CA ALA A 75 -10.54 6.73 8.24
C ALA A 75 -9.50 5.65 7.97
N LEU A 76 -9.94 4.43 7.65
CA LEU A 76 -9.01 3.35 7.36
C LEU A 76 -8.12 3.72 6.17
N LEU A 77 -8.72 4.17 5.08
CA LEU A 77 -7.95 4.50 3.88
C LEU A 77 -7.01 5.66 4.13
N LYS A 78 -7.48 6.67 4.88
CA LYS A 78 -6.64 7.82 5.21
C LYS A 78 -5.32 7.37 5.84
N GLY A 79 -5.39 6.40 6.75
CA GLY A 79 -4.22 5.94 7.48
C GLY A 79 -3.55 4.71 6.92
N SER A 80 -4.12 4.07 5.90
CA SER A 80 -3.52 2.88 5.31
C SER A 80 -2.98 3.11 3.91
N ALA A 81 -3.34 4.22 3.25
CA ALA A 81 -2.96 4.41 1.85
C ALA A 81 -1.46 4.51 1.70
N VAL A 82 -0.82 5.36 2.51
CA VAL A 82 0.63 5.54 2.41
C VAL A 82 1.35 4.20 2.64
N GLU A 83 0.91 3.43 3.63
CA GLU A 83 1.55 2.15 3.91
C GLU A 83 1.28 1.14 2.79
N ALA A 84 0.12 1.20 2.15
CA ALA A 84 -0.18 0.29 1.06
C ALA A 84 0.50 0.71 -0.25
N MET A 85 0.83 2.00 -0.38
CA MET A 85 1.64 2.43 -1.50
C MET A 85 3.10 2.03 -1.32
N PHE A 86 3.61 2.12 -0.08
CA PHE A 86 4.95 1.61 0.21
C PHE A 86 5.03 0.12 -0.09
N LEU A 87 4.02 -0.65 0.33
CA LEU A 87 4.08 -2.10 0.17
C LEU A 87 3.98 -2.50 -1.30
N ARG A 88 3.21 -1.75 -2.09
CA ARG A 88 3.07 -2.07 -3.51
C ARG A 88 4.31 -1.67 -4.29
N SER A 89 4.92 -0.53 -3.93
CA SER A 89 6.17 -0.13 -4.57
C SER A 89 7.32 -1.06 -4.18
N ALA A 90 7.34 -1.52 -2.92
CA ALA A 90 8.38 -2.44 -2.50
C ALA A 90 8.33 -3.75 -3.28
N GLU A 91 7.12 -4.19 -3.65
CA GLU A 91 6.99 -5.40 -4.45
C GLU A 91 7.55 -5.20 -5.85
N ILE A 92 7.28 -4.05 -6.47
CA ILE A 92 7.74 -3.83 -7.84
C ILE A 92 9.26 -3.63 -7.88
N PHE A 93 9.83 -3.01 -6.85
CA PHE A 93 11.28 -2.79 -6.81
C PHE A 93 12.06 -4.08 -6.59
N ASN A 94 11.47 -5.07 -5.93
CA ASN A 94 12.14 -6.35 -5.69
C ASN A 94 11.68 -7.44 -6.63
N LYS A 95 10.88 -7.10 -7.64
CA LYS A 95 10.46 -8.08 -8.63
C LYS A 95 11.55 -8.24 -9.68
N LYS A 96 11.75 -9.48 -10.13
CA LYS A 96 12.90 -9.83 -10.98
C LYS A 96 12.49 -9.84 -12.44
N LEU A 97 12.45 -8.66 -13.04
CA LEU A 97 12.23 -8.51 -14.48
C LEU A 97 12.63 -7.11 -14.93
N HIS A 101 9.97 -0.37 -15.58
CA HIS A 101 11.39 -0.51 -15.27
C HIS A 101 11.69 -0.01 -13.86
N SER A 102 12.09 -0.94 -12.99
CA SER A 102 12.29 -0.63 -11.58
C SER A 102 13.42 0.38 -11.38
N ASP A 103 14.54 0.17 -12.06
CA ASP A 103 15.71 1.03 -11.87
C ASP A 103 15.41 2.47 -12.29
N LEU A 104 14.63 2.65 -13.35
CA LEU A 104 14.31 3.99 -13.82
C LEU A 104 13.45 4.74 -12.80
N LEU A 105 12.39 4.09 -12.31
CA LEU A 105 11.51 4.74 -11.34
C LEU A 105 12.27 5.14 -10.08
N GLU A 106 13.17 4.26 -9.61
CA GLU A 106 14.01 4.60 -8.47
C GLU A 106 14.80 5.87 -8.72
N ALA A 107 15.43 5.99 -9.89
CA ALA A 107 16.17 7.20 -10.22
C ALA A 107 15.26 8.42 -10.24
N ARG A 108 14.02 8.25 -10.70
CA ARG A 108 13.09 9.38 -10.73
C ARG A 108 12.65 9.77 -9.32
N ILE A 109 12.43 8.79 -8.45
CA ILE A 109 12.12 9.09 -7.06
C ILE A 109 13.29 9.83 -6.40
N ARG A 110 14.51 9.35 -6.62
CA ARG A 110 15.67 10.00 -6.01
C ARG A 110 15.88 11.41 -6.56
N ASN A 111 15.43 11.67 -7.78
CA ASN A 111 15.59 12.99 -8.38
C ASN A 111 14.22 13.62 -8.62
N SER A 112 13.40 13.69 -7.58
CA SER A 112 12.08 14.31 -7.67
C SER A 112 11.85 15.39 -6.62
N GLY A 113 12.90 15.82 -5.93
CA GLY A 113 12.77 16.87 -4.94
C GLY A 113 12.53 16.41 -3.51
N ILE A 114 12.78 15.15 -3.20
CA ILE A 114 12.62 14.66 -1.84
C ILE A 114 13.87 14.95 -1.04
N SER A 115 13.69 15.38 0.21
CA SER A 115 14.83 15.55 1.11
C SER A 115 15.53 14.22 1.33
N ASP A 116 16.84 14.28 1.51
CA ASP A 116 17.65 13.07 1.69
C ASP A 116 17.38 12.40 3.03
N GLU A 117 16.66 13.06 3.95
CA GLU A 117 16.26 12.42 5.19
C GLU A 117 15.24 11.31 4.95
N TYR A 118 14.44 11.39 3.89
CA TYR A 118 13.42 10.39 3.62
C TYR A 118 13.82 9.36 2.57
N ILE A 119 14.82 9.66 1.75
CA ILE A 119 15.30 8.68 0.77
C ILE A 119 15.91 7.49 1.49
N THR A 120 16.83 7.75 2.42
CA THR A 120 17.53 6.67 3.11
C THR A 120 16.58 5.68 3.77
N PRO A 121 15.62 6.07 4.61
CA PRO A 121 14.72 5.05 5.18
C PRO A 121 13.91 4.33 4.12
N MET A 122 13.49 5.04 3.08
CA MET A 122 12.67 4.45 2.03
C MET A 122 13.36 3.26 1.38
N PHE A 123 14.58 3.45 0.89
CA PHE A 123 15.25 2.35 0.22
C PHE A 123 15.85 1.35 1.20
N SER A 124 16.17 1.78 2.42
CA SER A 124 16.46 0.82 3.48
C SER A 124 15.31 -0.15 3.66
N PHE A 125 14.09 0.37 3.69
CA PHE A 125 12.91 -0.48 3.76
C PHE A 125 12.79 -1.37 2.53
N TYR A 126 12.97 -0.81 1.34
CA TYR A 126 12.87 -1.61 0.11
C TYR A 126 13.86 -2.77 0.15
N LYS A 127 15.12 -2.48 0.44
CA LYS A 127 16.13 -3.52 0.62
C LYS A 127 15.68 -4.52 1.69
N SER A 128 15.24 -4.02 2.85
CA SER A 128 14.83 -4.91 3.92
C SER A 128 13.71 -5.84 3.50
N ILE A 129 12.71 -5.30 2.78
CA ILE A 129 11.61 -6.13 2.29
C ILE A 129 12.12 -7.17 1.32
N GLY A 130 13.09 -6.80 0.48
CA GLY A 130 13.59 -7.73 -0.52
C GLY A 130 14.24 -8.97 0.09
N GLU A 131 14.97 -8.79 1.20
CA GLU A 131 15.62 -9.93 1.83
C GLU A 131 14.62 -10.95 2.34
N LEU A 132 13.37 -10.54 2.58
CA LEU A 132 12.35 -11.48 3.01
C LEU A 132 11.89 -12.41 1.89
N LYS A 133 12.09 -12.02 0.62
CA LYS A 133 11.71 -12.85 -0.51
C LYS A 133 10.25 -13.27 -0.40
N MET A 134 9.38 -12.27 -0.40
CA MET A 134 7.96 -12.51 -0.20
C MET A 134 7.30 -12.96 -1.49
N THR A 135 6.32 -13.86 -1.35
CA THR A 135 5.50 -14.27 -2.46
C THR A 135 4.43 -13.21 -2.75
N GLN A 136 3.77 -13.35 -3.90
CA GLN A 136 2.67 -12.45 -4.22
C GLN A 136 1.48 -12.66 -3.29
N GLU A 137 1.32 -13.88 -2.76
CA GLU A 137 0.28 -14.11 -1.77
C GLU A 137 0.55 -13.32 -0.49
N GLU A 138 1.82 -13.26 -0.08
CA GLU A 138 2.16 -12.52 1.13
C GLU A 138 2.00 -11.01 0.91
N TYR A 139 2.38 -10.51 -0.26
CA TYR A 139 2.18 -9.10 -0.56
C TYR A 139 0.70 -8.74 -0.58
N ALA A 140 -0.14 -9.61 -1.14
CA ALA A 140 -1.57 -9.32 -1.23
C ALA A 140 -2.23 -9.37 0.14
N LEU A 141 -1.96 -10.43 0.91
CA LEU A 141 -2.51 -10.53 2.24
C LEU A 141 -2.02 -9.40 3.15
N LEU A 142 -0.74 -9.07 3.04
CA LEU A 142 -0.19 -8.02 3.89
C LEU A 142 -0.84 -6.67 3.60
N THR A 143 -1.14 -6.41 2.33
CA THR A 143 -1.82 -5.17 1.98
C THR A 143 -3.21 -5.12 2.59
N ALA A 144 -3.94 -6.25 2.56
CA ALA A 144 -5.28 -6.29 3.13
C ALA A 144 -5.22 -6.19 4.65
N ILE A 145 -4.24 -6.85 5.26
CA ILE A 145 -4.04 -6.73 6.71
C ILE A 145 -3.74 -5.28 7.09
N VAL A 146 -2.93 -4.59 6.29
CA VAL A 146 -2.54 -3.23 6.59
C VAL A 146 -3.75 -2.30 6.59
N ILE A 147 -4.68 -2.53 5.68
CA ILE A 147 -5.84 -1.67 5.57
C ILE A 147 -6.77 -1.86 6.76
N LEU A 148 -7.11 -3.11 7.06
CA LEU A 148 -8.02 -3.41 8.17
C LEU A 148 -7.24 -3.43 9.48
N SER A 149 -6.87 -2.23 9.95
CA SER A 149 -6.11 -2.19 11.19
C SER A 149 -6.97 -1.68 12.34
N PRO A 150 -7.06 -2.41 13.46
CA PRO A 150 -7.94 -1.97 14.54
C PRO A 150 -7.46 -0.71 15.25
N ASP A 151 -6.16 -0.47 15.33
CA ASP A 151 -5.62 0.63 16.12
C ASP A 151 -5.44 1.90 15.30
N ARG A 152 -6.18 2.06 14.20
CA ARG A 152 -6.09 3.28 13.43
C ARG A 152 -6.65 4.46 14.23
N GLN A 153 -6.15 5.65 13.91
CA GLN A 153 -6.59 6.86 14.57
C GLN A 153 -7.97 7.26 14.06
N TYR A 154 -8.73 7.94 14.93
CA TYR A 154 -10.09 8.38 14.60
C TYR A 154 -11.00 7.20 14.30
N ILE A 155 -10.80 6.10 15.03
CA ILE A 155 -11.59 4.87 14.88
C ILE A 155 -12.47 4.74 16.10
N LYS A 156 -13.78 4.53 15.87
CA LYS A 156 -14.74 4.37 16.95
C LYS A 156 -14.98 2.91 17.29
N ASP A 157 -15.28 2.09 16.28
CA ASP A 157 -15.52 0.66 16.47
C ASP A 157 -14.23 -0.11 16.17
N ARG A 158 -13.31 -0.04 17.13
CA ARG A 158 -12.05 -0.79 17.00
C ARG A 158 -12.29 -2.29 17.06
N GLU A 159 -13.21 -2.74 17.91
CA GLU A 159 -13.47 -4.18 18.03
C GLU A 159 -14.12 -4.74 16.76
N ALA A 160 -14.88 -3.93 16.04
CA ALA A 160 -15.49 -4.40 14.80
C ALA A 160 -14.45 -4.68 13.73
N VAL A 161 -13.39 -3.86 13.68
CA VAL A 161 -12.33 -4.09 12.70
C VAL A 161 -11.58 -5.38 13.01
N GLU A 162 -11.39 -5.67 14.30
CA GLU A 162 -10.70 -6.89 14.71
C GLU A 162 -11.28 -8.13 14.05
N LYS A 163 -12.61 -8.19 13.95
CA LYS A 163 -13.26 -9.34 13.34
C LYS A 163 -12.87 -9.49 11.87
N LEU A 164 -12.56 -8.39 11.19
CA LEU A 164 -12.22 -8.43 9.78
C LEU A 164 -10.74 -8.68 9.53
N GLN A 165 -9.87 -8.33 10.48
CA GLN A 165 -8.43 -8.50 10.30
C GLN A 165 -7.96 -9.89 10.69
N GLU A 166 -8.37 -10.36 11.88
CA GLU A 166 -7.96 -11.63 12.46
C GLU A 166 -7.99 -12.80 11.46
N PRO A 167 -9.04 -12.95 10.64
CA PRO A 167 -9.00 -14.05 9.65
C PRO A 167 -7.87 -13.92 8.65
N LEU A 168 -7.58 -12.70 8.18
CA LEU A 168 -6.47 -12.51 7.25
C LEU A 168 -5.14 -12.88 7.91
N LEU A 169 -4.92 -12.39 9.14
CA LEU A 169 -3.74 -12.80 9.91
C LEU A 169 -3.72 -14.31 10.11
N ASP A 170 -4.89 -14.91 10.35
CA ASP A 170 -4.96 -16.35 10.50
C ASP A 170 -4.55 -17.05 9.21
N VAL A 171 -5.00 -16.55 8.06
CA VAL A 171 -4.63 -17.14 6.78
C VAL A 171 -3.13 -16.97 6.53
N LEU A 172 -2.63 -15.75 6.70
CA LEU A 172 -1.21 -15.50 6.45
C LEU A 172 -0.32 -16.32 7.37
N GLN A 173 -0.74 -16.49 8.63
CA GLN A 173 0.08 -17.26 9.56
C GLN A 173 0.16 -18.72 9.13
N LYS A 174 -0.94 -19.28 8.64
CA LYS A 174 -0.90 -20.65 8.13
C LYS A 174 0.05 -20.76 6.96
N LEU A 175 0.00 -19.80 6.03
CA LEU A 175 0.85 -19.84 4.86
C LEU A 175 2.33 -19.82 5.23
N CYS A 176 2.70 -19.02 6.23
CA CYS A 176 4.09 -18.98 6.68
C CYS A 176 4.51 -20.31 7.28
N LYS A 177 3.60 -20.99 7.97
CA LYS A 177 3.92 -22.30 8.53
C LYS A 177 3.91 -23.38 7.47
N ILE A 178 3.08 -23.23 6.43
CA ILE A 178 2.99 -24.26 5.39
C ILE A 178 4.17 -24.17 4.43
N HIS A 179 4.32 -23.02 3.76
CA HIS A 179 5.29 -22.89 2.68
C HIS A 179 6.72 -22.71 3.17
N GLN A 180 6.91 -22.25 4.41
CA GLN A 180 8.26 -22.02 4.96
C GLN A 180 8.36 -22.63 6.35
N PRO A 181 8.48 -23.96 6.44
CA PRO A 181 8.80 -24.57 7.74
C PRO A 181 10.28 -24.45 8.10
N ALA A 182 11.14 -24.20 7.12
CA ALA A 182 12.58 -24.03 7.35
C ALA A 182 12.93 -22.68 7.94
N ASN A 183 11.94 -21.88 8.35
CA ASN A 183 12.18 -20.60 8.99
C ASN A 183 10.93 -20.15 9.73
N PRO A 184 10.87 -20.34 11.04
CA PRO A 184 9.69 -19.93 11.81
C PRO A 184 9.63 -18.45 12.13
N GLN A 185 10.67 -17.69 11.80
CA GLN A 185 10.69 -16.24 12.00
C GLN A 185 10.15 -15.47 10.80
N HIS A 186 9.81 -16.16 9.71
CA HIS A 186 9.31 -15.45 8.54
C HIS A 186 8.02 -14.72 8.85
N PHE A 187 7.11 -15.36 9.60
CA PHE A 187 5.88 -14.69 9.98
C PHE A 187 6.15 -13.53 10.94
N ALA A 188 7.09 -13.71 11.87
CA ALA A 188 7.42 -12.62 12.79
C ALA A 188 8.04 -11.46 12.03
N LYS A 189 8.90 -11.74 11.04
CA LYS A 189 9.51 -10.66 10.28
C LYS A 189 8.50 -10.01 9.34
N LEU A 190 7.52 -10.76 8.85
CA LEU A 190 6.45 -10.16 8.07
C LEU A 190 5.70 -9.11 8.89
N LEU A 191 5.27 -9.47 10.10
CA LEU A 191 4.55 -8.52 10.93
C LEU A 191 5.43 -7.34 11.36
N GLY A 192 6.75 -7.53 11.44
CA GLY A 192 7.64 -6.43 11.72
C GLY A 192 7.62 -5.32 10.68
N ARG A 193 7.26 -5.65 9.44
CA ARG A 193 7.21 -4.61 8.40
C ARG A 193 6.01 -3.69 8.57
N LEU A 194 4.91 -4.20 9.12
CA LEU A 194 3.79 -3.32 9.44
C LEU A 194 4.20 -2.29 10.48
N THR A 195 4.99 -2.71 11.47
CA THR A 195 5.52 -1.77 12.44
C THR A 195 6.40 -0.71 11.76
N GLU A 196 7.29 -1.15 10.87
CA GLU A 196 8.14 -0.21 10.15
C GLU A 196 7.33 0.72 9.26
N LEU A 197 6.22 0.24 8.70
CA LEU A 197 5.38 1.10 7.86
C LEU A 197 4.76 2.24 8.66
N ARG A 198 4.47 2.00 9.94
CA ARG A 198 3.88 3.07 10.77
C ARG A 198 4.80 4.27 10.83
N THR A 199 6.10 4.03 11.04
CA THR A 199 7.07 5.13 11.04
C THR A 199 7.00 5.92 9.74
N PHE A 200 6.97 5.23 8.62
CA PHE A 200 6.90 5.91 7.32
C PHE A 200 5.58 6.64 7.17
N ASN A 201 4.47 6.00 7.56
CA ASN A 201 3.17 6.63 7.44
C ASN A 201 3.13 7.97 8.17
N HIS A 202 3.71 8.02 9.38
CA HIS A 202 3.52 9.20 10.20
C HIS A 202 4.49 10.32 9.84
N HIS A 203 5.74 10.01 9.51
CA HIS A 203 6.61 11.06 8.98
C HIS A 203 6.66 11.02 7.46
N HIS A 204 5.48 10.84 6.87
CA HIS A 204 5.24 11.07 5.45
C HIS A 204 4.64 12.44 5.16
N ALA A 205 3.88 12.99 6.11
CA ALA A 205 3.34 14.34 5.92
C ALA A 205 4.43 15.40 5.96
N GLU A 206 5.54 15.11 6.64
CA GLU A 206 6.70 15.99 6.56
C GLU A 206 7.34 15.93 5.18
N MET A 207 7.40 14.74 4.58
CA MET A 207 7.84 14.62 3.20
C MET A 207 6.95 15.41 2.28
N LEU A 208 5.64 15.38 2.51
CA LEU A 208 4.72 16.22 1.74
C LEU A 208 4.97 17.70 2.02
N MET A 209 5.22 18.04 3.28
CA MET A 209 5.42 19.44 3.66
C MET A 209 6.53 20.07 2.83
N SER A 210 7.71 19.42 2.81
CA SER A 210 8.81 19.90 1.98
C SER A 210 8.40 20.00 0.52
N TRP A 211 7.66 19.00 0.03
CA TRP A 211 7.13 19.06 -1.32
C TRP A 211 6.11 20.18 -1.47
N ARG A 212 5.34 20.47 -0.43
CA ARG A 212 4.35 21.53 -0.52
C ARG A 212 4.99 22.92 -0.45
N VAL A 213 5.93 23.13 0.49
CA VAL A 213 6.57 24.45 0.61
C VAL A 213 7.67 24.51 -0.44
N ASN A 214 7.26 24.75 -1.68
CA ASN A 214 8.18 24.88 -2.81
C ASN A 214 7.37 25.43 -4.00
N HIS A 216 4.19 23.39 -5.30
CA HIS A 216 3.82 22.37 -6.28
C HIS A 216 2.31 22.14 -6.31
N LYS A 217 1.86 21.14 -7.09
CA LYS A 217 0.44 20.93 -7.35
C LYS A 217 0.09 19.46 -7.23
N PHE A 218 -0.77 19.13 -6.25
CA PHE A 218 -1.30 17.79 -6.06
C PHE A 218 -2.69 17.66 -6.68
N THR A 219 -3.05 16.43 -7.03
CA THR A 219 -4.38 16.15 -7.53
C THR A 219 -5.39 16.26 -6.39
N PRO A 220 -6.66 16.51 -6.70
CA PRO A 220 -7.67 16.61 -5.62
C PRO A 220 -7.79 15.32 -4.82
N LEU A 221 -7.66 14.17 -5.47
CA LEU A 221 -7.74 12.90 -4.77
C LEU A 221 -6.57 12.73 -3.81
N LEU A 222 -5.36 13.14 -4.22
CA LEU A 222 -4.21 13.06 -3.33
C LEU A 222 -4.32 14.08 -2.21
N GLN A 223 -4.84 15.28 -2.51
CA GLN A 223 -5.10 16.25 -1.45
C GLN A 223 -6.16 15.74 -0.49
N GLU A 224 -7.03 14.85 -0.93
CA GLU A 224 -8.16 14.38 -0.14
C GLU A 224 -7.80 13.26 0.84
N ILE A 225 -6.64 12.62 0.66
CA ILE A 225 -6.21 11.55 1.55
C ILE A 225 -5.12 12.03 2.50
N TRP A 226 -4.21 12.87 2.04
CA TRP A 226 -3.05 13.28 2.80
C TRP A 226 -3.26 14.60 3.53
N ASP A 227 -4.46 15.17 3.47
CA ASP A 227 -4.82 16.39 4.20
C ASP A 227 -3.90 17.55 3.80
N VAL A 228 -4.08 17.99 2.56
CA VAL A 228 -3.31 19.11 2.04
C VAL A 228 -4.24 20.26 1.68
N HIS B 1 -13.52 14.90 2.04
CA HIS B 1 -13.38 13.49 1.68
C HIS B 1 -14.56 13.02 0.83
N LYS B 2 -14.81 13.74 -0.27
CA LYS B 2 -15.96 13.46 -1.13
C LYS B 2 -15.67 12.35 -2.14
N ILE B 3 -14.50 12.42 -2.79
CA ILE B 3 -14.17 11.51 -3.89
C ILE B 3 -14.00 10.08 -3.39
N LEU B 4 -13.43 9.90 -2.20
CA LEU B 4 -13.29 8.54 -1.67
C LEU B 4 -14.66 7.91 -1.45
N HIS B 5 -15.58 8.64 -0.81
CA HIS B 5 -16.94 8.12 -0.66
C HIS B 5 -17.61 7.94 -2.03
N ARG B 6 -17.31 8.83 -2.97
CA ARG B 6 -17.84 8.72 -4.33
C ARG B 6 -17.25 7.52 -5.07
N LEU B 7 -15.92 7.33 -4.96
CA LEU B 7 -15.27 6.22 -5.63
C LEU B 7 -15.62 4.88 -4.99
N LEU B 8 -16.08 4.90 -3.74
CA LEU B 8 -16.63 3.74 -3.07
C LEU B 8 -18.07 3.53 -3.52
N GLN B 9 -18.65 2.37 -3.15
CA GLN B 9 -20.03 2.01 -3.49
C GLN B 9 -20.35 2.38 -4.94
N ASP B 10 -19.58 1.79 -5.86
CA ASP B 10 -19.79 1.92 -7.29
C ASP B 10 -19.89 0.55 -7.91
N SER B 11 -20.71 0.43 -8.94
CA SER B 11 -20.94 -0.84 -9.62
C SER B 11 -19.64 -1.42 -10.19
O A1ELK C . 4.18 10.94 -2.97
C A1ELK C . 3.32 12.65 -5.00
N A1ELK C . 4.66 9.96 -2.06
C1 A1ELK C . 3.71 11.23 -5.30
C2 A1ELK C . 4.57 12.39 -5.72
C3 A1ELK C . 4.16 10.38 -4.20
C4 A1ELK C . 4.61 9.12 -4.09
C5 A1ELK C . 4.89 8.87 -2.77
C6 A1ELK C . 5.42 7.68 -2.10
C7 A1ELK C . 4.61 6.85 -1.35
C8 A1ELK C . 5.09 5.71 -0.73
C9 A1ELK C . 6.42 5.39 -0.88
C10 A1ELK C . 7.26 6.18 -1.63
C11 A1ELK C . 6.75 7.31 -2.23
C12 A1ELK C . 4.74 8.11 -5.18
C13 A1ELK C . 3.31 5.46 -7.19
C14 A1ELK C . 2.50 4.79 -6.06
O1 A1ELK C . 4.18 6.86 -4.77
C29 A1ELK C . 5.09 5.75 -4.76
C30 A1ELK C . 5.67 5.58 -6.15
C31 A1ELK C . 4.71 4.84 -7.07
C33 A1ELK C . 3.52 3.86 -5.39
C34 A1ELK C . 4.34 4.51 -4.28
C35 A1ELK C . 4.01 2.56 -7.45
C36 A1ELK C . 2.86 1.80 -7.26
C37 A1ELK C . 2.47 0.86 -8.21
C38 A1ELK C . 3.24 0.66 -9.35
C39 A1ELK C . 4.39 1.43 -9.52
C40 A1ELK C . 4.78 2.36 -8.59
C41 A1ELK C . 2.86 -0.33 -10.36
C43 A1ELK C . 1.78 -1.90 -11.45
F1 A1ELK C . 5.15 1.25 -10.63
N32 A1ELK C . 4.40 3.52 -6.51
N42 A1ELK C . 1.76 -1.14 -10.34
N45 A1ELK C . 3.55 -0.56 -11.42
O44 A1ELK C . 2.87 -1.57 -12.13
O46 A1ELK C . 1.01 -2.74 -11.83
CL28 A1ELK C . 7.82 8.30 -3.16
CL1 A1ELK C . 2.93 7.25 -1.16
#